data_7A4T
#
_entry.id   7A4T
#
_cell.length_a   106.640
_cell.length_b   106.640
_cell.length_c   106.640
_cell.angle_alpha   90.000
_cell.angle_beta   90.000
_cell.angle_gamma   90.000
#
_symmetry.space_group_name_H-M   'P 42 3 2'
#
loop_
_entity.id
_entity.type
_entity.pdbx_description
1 polymer 'Nanobody Nb39'
2 polymer 'GCN4 isoform 1'
3 non-polymer 'SULFATE ION'
4 non-polymer 'ACETYL GROUP'
5 non-polymer 1,2-ETHANEDIOL
6 water water
#
loop_
_entity_poly.entity_id
_entity_poly.type
_entity_poly.pdbx_seq_one_letter_code
_entity_poly.pdbx_strand_id
1 'polypeptide(L)'
;QVQLQESGGGLVQAGGSLRLSCAASGSIFSINVMGWYRQAPGKQRELLASITSRGSTNYADSVKDRFTISRDNAKNTVYL
QINSLKPEDTAVYYCNSRGWTTTRGDYDYWGQGTQVTVSSGRYPYDVPDYGSGRA
;
A
2 'polypeptide(L)' (ACE)QLEDKVEELLSKNYHLENEVERLKKLVG(NH2) B,C
#
loop_
_chem_comp.id
_chem_comp.type
_chem_comp.name
_chem_comp.formula
ACE non-polymer 'ACETYL GROUP' 'C2 H4 O'
EDO non-polymer 1,2-ETHANEDIOL 'C2 H6 O2'
NH2 non-polymer 'AMINO GROUP' 'H2 N'
SO4 non-polymer 'SULFATE ION' 'O4 S -2'
#
# COMPACT_ATOMS: atom_id res chain seq x y z
N GLN A 1 -16.23 8.29 -7.47
CA GLN A 1 -15.06 7.70 -8.12
C GLN A 1 -13.77 8.49 -7.84
N VAL A 2 -12.63 7.84 -8.05
CA VAL A 2 -11.32 8.33 -7.65
C VAL A 2 -10.31 7.92 -8.72
N GLN A 3 -9.35 8.81 -9.00
CA GLN A 3 -8.36 8.54 -10.03
C GLN A 3 -6.98 8.99 -9.56
N LEU A 4 -5.99 8.13 -9.74
CA LEU A 4 -4.66 8.35 -9.19
C LEU A 4 -3.65 8.42 -10.32
N GLN A 5 -2.61 9.24 -10.12
CA GLN A 5 -1.56 9.41 -11.13
C GLN A 5 -0.23 9.47 -10.39
N GLU A 6 0.62 8.50 -10.64
CA GLU A 6 1.93 8.46 -10.03
C GLU A 6 2.93 9.23 -10.88
N SER A 7 3.98 9.74 -10.24
CA SER A 7 5.13 10.28 -10.95
C SER A 7 6.34 10.19 -10.04
N GLY A 8 7.51 10.60 -10.57
CA GLY A 8 8.73 10.69 -9.81
C GLY A 8 9.73 9.57 -10.06
N GLY A 9 9.37 8.54 -10.81
CA GLY A 9 10.26 7.43 -11.07
C GLY A 9 11.18 7.73 -12.24
N GLY A 10 11.63 6.67 -12.90
CA GLY A 10 12.57 6.79 -14.01
C GLY A 10 13.87 6.07 -13.72
N LEU A 11 14.95 6.41 -14.42
CA LEU A 11 16.25 5.77 -14.30
C LEU A 11 17.09 6.43 -13.21
N VAL A 12 17.88 5.64 -12.47
CA VAL A 12 18.62 6.13 -11.31
C VAL A 12 19.79 5.19 -11.04
N GLN A 13 20.95 5.74 -10.66
CA GLN A 13 22.08 4.91 -10.28
C GLN A 13 21.81 4.26 -8.94
N ALA A 14 22.37 3.06 -8.79
CA ALA A 14 22.32 2.36 -7.52
C ALA A 14 23.03 3.19 -6.46
N GLY A 15 22.40 3.33 -5.28
CA GLY A 15 22.86 4.24 -4.26
C GLY A 15 22.07 5.53 -4.20
N GLY A 16 21.23 5.79 -5.20
CA GLY A 16 20.43 7.00 -5.23
C GLY A 16 19.14 6.84 -4.44
N SER A 17 18.23 7.76 -4.68
CA SER A 17 16.95 7.77 -3.98
C SER A 17 16.00 8.66 -4.74
N LEU A 18 14.70 8.36 -4.58
CA LEU A 18 13.64 9.04 -5.29
C LEU A 18 12.48 9.31 -4.35
N ARG A 19 11.77 10.40 -4.61
CA ARG A 19 10.47 10.68 -4.03
C ARG A 19 9.43 10.43 -5.10
N LEU A 20 8.68 9.35 -4.95
CA LEU A 20 7.53 9.12 -5.81
C LEU A 20 6.32 9.85 -5.27
N SER A 21 5.46 10.29 -6.20
CA SER A 21 4.29 11.10 -5.92
C SER A 21 3.06 10.38 -6.44
N CYS A 22 2.00 10.38 -5.65
CA CYS A 22 0.70 9.90 -6.09
C CYS A 22 -0.32 11.02 -5.91
N ALA A 23 -0.77 11.60 -7.03
CA ALA A 23 -1.76 12.67 -7.01
C ALA A 23 -3.16 12.06 -7.11
N ALA A 24 -4.02 12.40 -6.16
CA ALA A 24 -5.36 11.81 -6.06
C ALA A 24 -6.40 12.80 -6.55
N SER A 25 -7.20 12.36 -7.51
CA SER A 25 -8.32 13.15 -8.02
C SER A 25 -9.62 12.58 -7.50
N GLY A 26 -10.63 13.44 -7.46
CA GLY A 26 -11.96 13.06 -7.05
C GLY A 26 -12.17 13.18 -5.55
N SER A 27 -13.27 12.59 -5.10
CA SER A 27 -13.63 12.61 -3.69
C SER A 27 -12.53 12.03 -2.81
N ILE A 28 -12.28 12.68 -1.69
CA ILE A 28 -11.47 12.13 -0.61
C ILE A 28 -12.46 11.61 0.43
N PHE A 29 -12.62 10.29 0.51
CA PHE A 29 -13.64 9.69 1.36
C PHE A 29 -13.23 9.73 2.84
N SER A 30 -14.23 9.61 3.72
CA SER A 30 -13.96 9.71 5.15
C SER A 30 -13.24 8.48 5.69
N ILE A 31 -13.43 7.33 5.05
CA ILE A 31 -12.64 6.13 5.33
C ILE A 31 -11.78 5.84 4.10
N ASN A 32 -10.47 5.98 4.24
CA ASN A 32 -9.57 5.81 3.11
C ASN A 32 -8.21 5.33 3.59
N VAL A 33 -7.63 4.41 2.82
CA VAL A 33 -6.26 3.97 2.99
C VAL A 33 -5.57 4.14 1.64
N MET A 34 -4.51 4.96 1.61
CA MET A 34 -3.65 5.10 0.44
C MET A 34 -2.44 4.20 0.62
N GLY A 35 -2.17 3.37 -0.38
CA GLY A 35 -1.09 2.40 -0.30
C GLY A 35 -0.14 2.54 -1.48
N TRP A 36 1.12 2.15 -1.26
CA TRP A 36 2.10 2.00 -2.33
C TRP A 36 2.48 0.53 -2.48
N TYR A 37 2.37 0.03 -3.70
CA TYR A 37 2.79 -1.31 -4.07
C TYR A 37 3.90 -1.20 -5.11
N ARG A 38 4.64 -2.30 -5.29
CA ARG A 38 5.48 -2.42 -6.48
C ARG A 38 5.33 -3.81 -7.05
N GLN A 39 5.64 -3.91 -8.34
CA GLN A 39 5.65 -5.18 -9.05
C GLN A 39 6.82 -5.19 -10.03
N ALA A 40 7.71 -6.16 -9.86
CA ALA A 40 8.73 -6.49 -10.84
C ALA A 40 8.15 -7.41 -11.90
N PRO A 41 8.71 -7.42 -13.11
CA PRO A 41 8.16 -8.28 -14.17
C PRO A 41 8.21 -9.75 -13.76
N GLY A 42 7.08 -10.42 -13.91
CA GLY A 42 6.97 -11.82 -13.53
C GLY A 42 6.60 -12.04 -12.08
N LYS A 43 7.06 -11.16 -11.20
CA LYS A 43 6.88 -11.38 -9.77
C LYS A 43 5.53 -10.82 -9.30
N GLN A 44 5.12 -11.26 -8.11
CA GLN A 44 3.84 -10.83 -7.58
C GLN A 44 3.95 -9.44 -6.98
N ARG A 45 2.82 -8.77 -6.91
CA ARG A 45 2.80 -7.40 -6.41
C ARG A 45 3.03 -7.40 -4.90
N GLU A 46 3.70 -6.35 -4.42
CA GLU A 46 4.23 -6.31 -3.07
C GLU A 46 3.79 -4.99 -2.43
N LEU A 47 2.97 -5.08 -1.38
CA LEU A 47 2.56 -3.89 -0.62
C LEU A 47 3.74 -3.37 0.18
N LEU A 48 4.09 -2.11 -0.03
CA LEU A 48 5.25 -1.54 0.62
C LEU A 48 4.87 -0.74 1.85
N ALA A 49 3.82 0.08 1.76
CA ALA A 49 3.52 1.08 2.78
C ALA A 49 2.10 1.60 2.59
N SER A 50 1.42 1.91 3.70
CA SER A 50 0.05 2.42 3.72
C SER A 50 -0.01 3.62 4.65
N ILE A 51 -0.93 4.54 4.39
CA ILE A 51 -1.19 5.66 5.29
C ILE A 51 -2.70 5.90 5.34
N THR A 52 -3.24 6.12 6.55
CA THR A 52 -4.66 6.43 6.68
C THR A 52 -4.93 7.94 6.63
N SER A 53 -6.23 8.27 6.67
CA SER A 53 -6.69 9.66 6.70
C SER A 53 -6.08 10.44 7.84
N ARG A 54 -5.84 9.78 8.96
CA ARG A 54 -5.31 10.43 10.14
C ARG A 54 -3.80 10.32 10.26
N GLY A 55 -3.13 9.92 9.17
CA GLY A 55 -1.68 9.86 9.16
C GLY A 55 -1.05 8.62 9.76
N SER A 56 -1.84 7.63 10.15
CA SER A 56 -1.26 6.41 10.70
C SER A 56 -0.66 5.58 9.58
N THR A 57 0.59 5.14 9.75
CA THR A 57 1.34 4.45 8.71
C THR A 57 1.52 2.96 9.04
N ASN A 58 1.74 2.19 7.99
CA ASN A 58 1.86 0.74 8.10
C ASN A 58 2.85 0.31 7.03
N TYR A 59 3.98 -0.29 7.41
CA TYR A 59 5.03 -0.66 6.47
C TYR A 59 5.16 -2.16 6.35
N ALA A 60 5.54 -2.61 5.16
CA ALA A 60 6.07 -3.96 5.06
C ALA A 60 7.40 -4.03 5.79
N ASP A 61 7.59 -5.11 6.54
CA ASP A 61 8.75 -5.23 7.41
C ASP A 61 10.05 -5.08 6.64
N SER A 62 10.10 -5.58 5.40
CA SER A 62 11.36 -5.59 4.68
C SER A 62 11.86 -4.20 4.31
N VAL A 63 10.99 -3.19 4.27
CA VAL A 63 11.40 -1.86 3.83
C VAL A 63 11.10 -0.80 4.87
N LYS A 64 10.75 -1.21 6.09
CA LYS A 64 10.25 -0.26 7.10
C LYS A 64 11.24 0.86 7.38
N ASP A 65 12.54 0.60 7.27
CA ASP A 65 13.55 1.59 7.62
C ASP A 65 14.24 2.20 6.41
N ARG A 66 13.83 1.85 5.21
CA ARG A 66 14.41 2.40 4.00
C ARG A 66 13.41 3.22 3.20
N PHE A 67 12.12 2.90 3.29
CA PHE A 67 11.09 3.62 2.56
C PHE A 67 10.20 4.36 3.56
N THR A 68 9.69 5.52 3.16
CA THR A 68 8.87 6.36 4.05
C THR A 68 7.69 6.91 3.27
N ILE A 69 6.51 6.67 3.77
CA ILE A 69 5.28 7.18 3.18
C ILE A 69 4.83 8.42 3.95
N SER A 70 4.26 9.39 3.24
CA SER A 70 3.82 10.65 3.85
C SER A 70 2.82 11.32 2.93
N ARG A 71 2.25 12.40 3.43
CA ARG A 71 1.22 13.15 2.72
C ARG A 71 1.67 14.60 2.64
N ASP A 72 1.47 15.23 1.52
CA ASP A 72 1.73 16.63 1.37
C ASP A 72 1.00 17.39 2.44
N ASN A 73 1.56 18.54 2.82
CA ASN A 73 0.96 19.38 3.85
C ASN A 73 -0.38 20.00 3.42
N ALA A 74 -0.57 20.21 2.12
CA ALA A 74 -1.75 20.77 1.63
C ALA A 74 -2.40 20.13 0.44
N LYS A 75 -1.64 19.61 -0.47
CA LYS A 75 -2.13 19.04 -1.72
C LYS A 75 -2.75 17.66 -1.50
N ASN A 76 -3.61 17.26 -2.43
CA ASN A 76 -4.16 15.90 -2.41
C ASN A 76 -3.17 14.90 -3.01
N THR A 77 -2.04 14.73 -2.32
CA THR A 77 -0.88 13.99 -2.85
C THR A 77 -0.21 13.21 -1.72
N VAL A 78 0.09 11.93 -1.94
CA VAL A 78 0.90 11.16 -0.99
C VAL A 78 2.24 10.80 -1.66
N TYR A 79 3.28 10.68 -0.84
CA TYR A 79 4.63 10.43 -1.32
C TYR A 79 5.20 9.14 -0.78
N LEU A 80 6.08 8.53 -1.58
CA LEU A 80 6.93 7.44 -1.11
C LEU A 80 8.39 7.82 -1.38
N GLN A 81 9.13 8.07 -0.31
CA GLN A 81 10.58 8.28 -0.36
C GLN A 81 11.26 6.91 -0.37
N ILE A 82 12.00 6.61 -1.43
CA ILE A 82 12.67 5.32 -1.53
C ILE A 82 14.16 5.59 -1.63
N ASN A 83 14.89 5.20 -0.60
CA ASN A 83 16.29 5.56 -0.39
C ASN A 83 17.16 4.36 -0.62
N SER A 84 18.45 4.63 -0.79
CA SER A 84 19.47 3.59 -0.87
C SER A 84 19.09 2.53 -1.91
N LEU A 85 18.70 2.98 -3.09
CA LEU A 85 18.16 2.07 -4.10
C LEU A 85 19.23 1.13 -4.63
N LYS A 86 18.82 -0.12 -4.82
CA LYS A 86 19.63 -1.20 -5.36
C LYS A 86 18.97 -1.76 -6.61
N PRO A 87 19.72 -2.50 -7.45
CA PRO A 87 19.10 -3.03 -8.69
C PRO A 87 17.86 -3.85 -8.40
N GLU A 88 17.80 -4.52 -7.25
CA GLU A 88 16.64 -5.29 -6.84
C GLU A 88 15.40 -4.43 -6.65
N ASP A 89 15.53 -3.10 -6.56
CA ASP A 89 14.37 -2.23 -6.38
C ASP A 89 13.71 -1.81 -7.69
N THR A 90 14.26 -2.25 -8.82
CA THR A 90 13.66 -2.00 -10.13
C THR A 90 12.27 -2.64 -10.21
N ALA A 91 11.27 -1.84 -10.56
CA ALA A 91 9.88 -2.29 -10.61
C ALA A 91 8.98 -1.12 -11.02
N VAL A 92 7.75 -1.44 -11.40
CA VAL A 92 6.69 -0.43 -11.45
C VAL A 92 6.14 -0.22 -10.05
N TYR A 93 6.10 1.03 -9.61
CA TYR A 93 5.55 1.38 -8.31
C TYR A 93 4.16 1.96 -8.51
N TYR A 94 3.15 1.38 -7.85
CA TYR A 94 1.75 1.73 -8.02
C TYR A 94 1.19 2.32 -6.73
N CYS A 95 0.32 3.31 -6.89
CA CYS A 95 -0.45 3.91 -5.81
C CYS A 95 -1.87 3.36 -5.83
N ASN A 96 -2.48 3.22 -4.66
CA ASN A 96 -3.86 2.75 -4.65
C ASN A 96 -4.65 3.46 -3.56
N SER A 97 -5.96 3.52 -3.75
CA SER A 97 -6.85 4.21 -2.82
C SER A 97 -7.98 3.25 -2.49
N ARG A 98 -8.15 2.93 -1.21
CA ARG A 98 -8.95 1.77 -0.85
C ARG A 98 -9.67 2.06 0.46
N GLY A 99 -10.88 1.53 0.57
CA GLY A 99 -11.61 1.70 1.82
C GLY A 99 -13.03 1.19 1.72
N TRP A 100 -13.90 1.87 2.44
CA TRP A 100 -15.28 1.43 2.58
C TRP A 100 -16.08 2.65 3.00
N THR A 101 -17.33 2.70 2.54
CA THR A 101 -18.24 3.76 2.94
C THR A 101 -19.61 3.17 3.22
N THR A 102 -20.29 3.76 4.20
CA THR A 102 -21.64 3.34 4.56
C THR A 102 -22.61 3.40 3.38
N THR A 103 -22.32 4.19 2.36
CA THR A 103 -23.24 4.40 1.25
C THR A 103 -22.97 3.47 0.06
N ARG A 104 -21.71 3.21 -0.29
CA ARG A 104 -21.39 2.43 -1.48
C ARG A 104 -20.55 1.19 -1.23
N GLY A 105 -20.12 0.93 0.00
CA GLY A 105 -19.48 -0.33 0.30
C GLY A 105 -17.98 -0.27 0.12
N ASP A 106 -17.35 -1.41 -0.21
CA ASP A 106 -15.93 -1.42 -0.47
C ASP A 106 -15.61 -0.67 -1.76
N TYR A 107 -14.44 -0.06 -1.81
CA TYR A 107 -13.97 0.53 -3.05
C TYR A 107 -12.48 0.27 -3.14
N ASP A 108 -11.97 0.30 -4.37
CA ASP A 108 -10.55 0.01 -4.58
C ASP A 108 -10.15 0.61 -5.92
N TYR A 109 -9.23 1.58 -5.92
CA TYR A 109 -8.80 2.23 -7.14
C TYR A 109 -7.28 2.17 -7.26
N TRP A 110 -6.79 1.97 -8.49
CA TRP A 110 -5.37 1.80 -8.76
C TRP A 110 -4.84 2.90 -9.67
N GLY A 111 -3.63 3.33 -9.41
CA GLY A 111 -2.93 4.14 -10.37
C GLY A 111 -2.37 3.26 -11.46
N GLN A 112 -1.79 3.90 -12.47
N GLN A 112 -1.82 3.89 -12.50
CA GLN A 112 -1.18 3.19 -13.56
CA GLN A 112 -1.17 3.15 -13.57
C GLN A 112 0.29 2.88 -13.30
C GLN A 112 0.28 2.84 -13.27
N GLY A 113 0.88 3.52 -12.30
CA GLY A 113 2.23 3.21 -11.87
C GLY A 113 3.31 4.00 -12.59
N THR A 114 4.46 4.12 -11.92
CA THR A 114 5.63 4.78 -12.47
C THR A 114 6.79 3.79 -12.44
N GLN A 115 7.44 3.58 -13.59
CA GLN A 115 8.54 2.64 -13.63
C GLN A 115 9.81 3.23 -13.02
N VAL A 116 10.43 2.48 -12.10
CA VAL A 116 11.72 2.79 -11.52
C VAL A 116 12.73 1.75 -12.03
N THR A 117 13.86 2.21 -12.55
CA THR A 117 14.89 1.33 -13.09
C THR A 117 16.21 1.71 -12.43
N VAL A 118 16.75 0.81 -11.62
CA VAL A 118 17.99 1.09 -10.91
C VAL A 118 19.12 0.41 -11.65
N SER A 119 20.08 1.22 -12.08
CA SER A 119 21.18 0.75 -12.92
C SER A 119 22.47 0.57 -12.12
N SER A 120 23.33 -0.32 -12.61
CA SER A 120 24.71 -0.37 -12.16
C SER A 120 25.57 -0.94 -13.28
N GLY A 121 26.83 -0.50 -13.34
CA GLY A 121 27.73 -0.75 -14.45
C GLY A 121 27.74 -2.12 -15.10
C ACE B 1 -23.90 -0.37 13.09
O ACE B 1 -23.16 -1.35 13.19
CH3 ACE B 1 -24.58 0.21 14.32
N GLN B 2 -24.13 0.26 11.93
CA GLN B 2 -23.54 -0.22 10.69
C GLN B 2 -22.01 -0.15 10.71
N LEU B 3 -21.46 0.85 11.41
CA LEU B 3 -20.01 0.94 11.52
C LEU B 3 -19.47 -0.08 12.50
N GLU B 4 -20.13 -0.25 13.64
CA GLU B 4 -19.66 -1.23 14.61
C GLU B 4 -19.75 -2.63 14.04
N ASP B 5 -20.78 -2.90 13.21
CA ASP B 5 -20.87 -4.16 12.48
C ASP B 5 -19.62 -4.39 11.63
N LYS B 6 -19.16 -3.35 10.93
CA LYS B 6 -17.94 -3.45 10.11
C LYS B 6 -16.72 -3.78 10.95
N VAL B 7 -16.62 -3.19 12.14
CA VAL B 7 -15.47 -3.44 13.01
C VAL B 7 -15.37 -4.92 13.35
N GLU B 8 -16.51 -5.53 13.75
CA GLU B 8 -16.49 -6.95 14.09
C GLU B 8 -16.18 -7.81 12.87
N GLU B 9 -16.75 -7.46 11.71
CA GLU B 9 -16.46 -8.16 10.46
C GLU B 9 -14.96 -8.19 10.18
N LEU B 10 -14.29 -7.03 10.29
CA LEU B 10 -12.87 -6.94 9.98
C LEU B 10 -12.01 -7.67 11.01
N LEU B 11 -12.37 -7.56 12.30
CA LEU B 11 -11.67 -8.33 13.33
C LEU B 11 -11.61 -9.81 12.98
N SER B 12 -12.76 -10.41 12.64
CA SER B 12 -12.78 -11.83 12.26
C SER B 12 -11.97 -12.08 10.99
N LYS B 13 -12.14 -11.24 9.96
CA LYS B 13 -11.34 -11.41 8.74
C LYS B 13 -9.85 -11.33 9.04
N ASN B 14 -9.43 -10.32 9.81
CA ASN B 14 -8.01 -10.19 10.11
C ASN B 14 -7.50 -11.37 10.91
N TYR B 15 -8.31 -11.90 11.83
CA TYR B 15 -7.89 -13.03 12.64
C TYR B 15 -7.63 -14.24 11.76
N HIS B 16 -8.53 -14.53 10.83
CA HIS B 16 -8.33 -15.68 9.98
C HIS B 16 -7.12 -15.49 9.08
N LEU B 17 -6.88 -14.25 8.63
CA LEU B 17 -5.70 -13.97 7.83
C LEU B 17 -4.42 -14.19 8.63
N GLU B 18 -4.42 -13.76 9.91
CA GLU B 18 -3.28 -14.00 10.79
C GLU B 18 -3.06 -15.48 11.03
N ASN B 19 -4.15 -16.26 11.10
CA ASN B 19 -3.99 -17.70 11.27
C ASN B 19 -3.39 -18.34 10.03
N GLU B 20 -3.75 -17.84 8.85
CA GLU B 20 -3.11 -18.35 7.64
C GLU B 20 -1.62 -18.01 7.63
N VAL B 21 -1.29 -16.77 7.99
CA VAL B 21 0.11 -16.35 8.02
C VAL B 21 0.90 -17.24 8.97
N GLU B 22 0.33 -17.52 10.13
CA GLU B 22 1.01 -18.36 11.11
C GLU B 22 1.31 -19.74 10.54
N ARG B 23 0.31 -20.37 9.91
CA ARG B 23 0.54 -21.71 9.38
C ARG B 23 1.45 -21.70 8.17
N LEU B 24 1.11 -20.90 7.15
CA LEU B 24 1.86 -20.86 5.90
C LEU B 24 3.29 -20.35 6.07
N LYS B 25 3.67 -19.91 7.28
CA LYS B 25 5.05 -19.52 7.54
C LYS B 25 5.94 -20.76 7.56
N LYS B 26 5.81 -21.57 8.62
CA LYS B 26 6.53 -22.83 8.69
C LYS B 26 6.24 -23.69 7.45
N LEU B 27 4.98 -24.02 7.23
CA LEU B 27 4.56 -24.73 6.02
C LEU B 27 4.66 -23.84 4.79
CA GLN C 2 -14.15 7.98 16.24
C GLN C 2 -14.14 6.57 15.63
N LEU C 3 -15.32 6.10 15.21
CA LEU C 3 -15.42 4.75 14.65
C LEU C 3 -14.84 4.68 13.25
N GLU C 4 -14.84 5.80 12.52
CA GLU C 4 -14.29 5.76 11.16
C GLU C 4 -12.78 5.55 11.20
N ASP C 5 -12.10 6.15 12.19
CA ASP C 5 -10.68 5.91 12.37
C ASP C 5 -10.42 4.44 12.66
N LYS C 6 -11.27 3.82 13.47
CA LYS C 6 -11.08 2.41 13.84
C LYS C 6 -11.20 1.51 12.61
N VAL C 7 -12.21 1.75 11.77
CA VAL C 7 -12.36 0.96 10.57
C VAL C 7 -11.15 1.16 9.66
N GLU C 8 -10.68 2.41 9.52
CA GLU C 8 -9.50 2.68 8.70
C GLU C 8 -8.31 1.86 9.16
N GLU C 9 -8.10 1.79 10.47
CA GLU C 9 -6.96 1.03 10.99
C GLU C 9 -7.15 -0.46 10.73
N LEU C 10 -8.36 -0.99 10.97
CA LEU C 10 -8.61 -2.40 10.70
C LEU C 10 -8.48 -2.72 9.21
N LEU C 11 -8.84 -1.79 8.32
CA LEU C 11 -8.71 -2.07 6.88
C LEU C 11 -7.25 -2.05 6.46
N SER C 12 -6.51 -1.03 6.91
CA SER C 12 -5.07 -0.98 6.67
C SER C 12 -4.41 -2.30 7.10
N LYS C 13 -4.78 -2.79 8.27
CA LYS C 13 -4.26 -4.08 8.73
C LYS C 13 -4.70 -5.22 7.82
N ASN C 14 -5.97 -5.18 7.39
CA ASN C 14 -6.49 -6.24 6.53
C ASN C 14 -5.71 -6.33 5.24
N TYR C 15 -5.46 -5.18 4.59
CA TYR C 15 -4.76 -5.17 3.31
C TYR C 15 -3.33 -5.66 3.48
N HIS C 16 -2.67 -5.29 4.57
CA HIS C 16 -1.32 -5.78 4.82
C HIS C 16 -1.32 -7.31 4.94
N LEU C 17 -2.33 -7.87 5.63
CA LEU C 17 -2.40 -9.32 5.81
C LEU C 17 -2.77 -10.05 4.53
N GLU C 18 -3.67 -9.47 3.72
CA GLU C 18 -3.97 -10.06 2.42
C GLU C 18 -2.70 -10.22 1.59
N ASN C 19 -1.91 -9.15 1.49
CA ASN C 19 -0.73 -9.21 0.65
C ASN C 19 0.31 -10.17 1.22
N GLU C 20 0.42 -10.24 2.54
CA GLU C 20 1.37 -11.15 3.17
C GLU C 20 0.99 -12.60 2.91
N VAL C 21 -0.31 -12.92 2.99
CA VAL C 21 -0.76 -14.27 2.69
C VAL C 21 -0.54 -14.58 1.22
N GLU C 22 -0.90 -13.64 0.35
CA GLU C 22 -0.72 -13.82 -1.09
C GLU C 22 0.74 -14.13 -1.41
N ARG C 23 1.66 -13.33 -0.86
CA ARG C 23 3.08 -13.59 -1.05
C ARG C 23 3.47 -14.97 -0.51
N LEU C 24 2.93 -15.34 0.65
CA LEU C 24 3.29 -16.61 1.25
C LEU C 24 2.63 -17.80 0.55
N LYS C 25 1.42 -17.62 0.01
CA LYS C 25 0.78 -18.69 -0.76
C LYS C 25 1.53 -18.98 -2.06
N LYS C 26 1.76 -17.94 -2.87
CA LYS C 26 2.48 -18.13 -4.13
C LYS C 26 3.88 -18.66 -3.90
N LEU C 27 4.51 -18.27 -2.80
CA LEU C 27 5.86 -18.75 -2.49
C LEU C 27 5.87 -20.25 -2.24
N VAL C 28 5.10 -20.71 -1.25
CA VAL C 28 5.14 -22.13 -0.91
C VAL C 28 4.36 -22.98 -1.91
N GLY C 29 3.36 -22.40 -2.58
CA GLY C 29 2.56 -23.15 -3.52
C GLY C 29 2.84 -22.81 -4.97
S SO4 D . 8.13 13.44 -13.21
O1 SO4 D . 8.09 14.27 -14.41
O2 SO4 D . 9.52 13.17 -12.83
O3 SO4 D . 7.49 14.17 -12.11
O4 SO4 D . 7.46 12.16 -13.47
S SO4 E . 5.94 -8.21 5.96
O1 SO4 E . 4.86 -7.83 5.07
O2 SO4 E . 7.23 -7.81 5.38
O3 SO4 E . 5.92 -9.65 6.17
O4 SO4 E . 5.75 -7.54 7.25
S SO4 F . -20.87 -3.92 2.94
O1 SO4 F . -19.45 -4.25 2.85
O2 SO4 F . -21.14 -2.57 2.48
O3 SO4 F . -21.64 -4.82 2.09
O4 SO4 F . -21.27 -4.03 4.34
C ACE G . -18.27 9.40 1.60
O ACE G . -17.40 9.49 2.48
CH3 ACE G . -19.28 8.29 1.58
C1 EDO H . 5.27 6.91 11.07
O1 EDO H . 5.29 7.19 12.48
C2 EDO H . 6.59 7.28 10.40
O2 EDO H . 6.61 6.86 9.02
S SO4 I . -8.40 -20.32 10.33
O1 SO4 I . -7.82 -19.20 9.59
O2 SO4 I . -7.74 -21.56 9.90
O3 SO4 I . -9.83 -20.39 10.07
O4 SO4 I . -8.15 -20.14 11.75
#